data_6NSF
#
_entry.id   6NSF
#
_cell.length_a   100.174
_cell.length_b   100.174
_cell.length_c   382.752
_cell.angle_alpha   90.00
_cell.angle_beta   90.00
_cell.angle_gamma   120.00
#
_symmetry.space_group_name_H-M   'H 3 2'
#
loop_
_entity.id
_entity.type
_entity.pdbx_description
1 polymer 'Hemagglutinin HA1 chain'
2 polymer 'Hemagglutinin HA2 chain'
3 branched alpha-D-mannopyranose-(1-3)-[alpha-D-mannopyranose-(1-6)]beta-D-mannopyranose-(1-4)-2-acetamido-2-deoxy-beta-D-glucopyranose-(1-4)-2-acetamido-2-deoxy-beta-D-glucopyranose
4 branched 2-acetamido-2-deoxy-beta-D-glucopyranose-(1-4)-[beta-L-fucopyranose-(1-6)]2-acetamido-2-deoxy-beta-D-glucopyranose
5 branched beta-D-mannopyranose-(1-4)-2-acetamido-2-deoxy-beta-D-glucopyranose-(1-4)-2-acetamido-2-deoxy-beta-D-glucopyranose
6 branched 2-acetamido-2-deoxy-beta-D-glucopyranose-(1-4)-2-acetamido-2-deoxy-beta-D-glucopyranose
7 non-polymer 2-acetamido-2-deoxy-beta-D-glucopyranose
8 non-polymer 'N-acetyl-alpha-neuraminic acid'
9 water water
#
loop_
_entity_poly.entity_id
_entity_poly.type
_entity_poly.pdbx_seq_one_letter_code
_entity_poly.pdbx_strand_id
1 'polypeptide(L)'
;PGATLCLGHHAVPNGTIVKTITNDQIEVTNATELVQSSSTGEICDSPHQILDGENCTLIDALLGDPQCDGFQNKKWDLFV
ERSKAYSNCYPYDVPDYASLRSLVASSGTLEFNNESFNWTGVTQNGTSSACIRRSNNSFFSRLNWLTHLKFKYPALNVTM
PNNEKFDKLYIWGVHHPVTDNDQIFPYAQASGRITVSTKRSQQTVIPNIGSRPRVRNIPSRISIYWTIVKPGDILLINST
GNLIAPRGYFKIRSGKSSIMRSDAPIGKCNSECITPNGSIPNDKPFQNVNRITYGACPRYVKQNTLKLATGMRNVPEKQT
R
;
A
2 'polypeptide(L)'
;GIFGAIAGFIENGWEGMVDGWYGFRHQNSEGIGQAADLKSTQAAIDQINGKLNRLIGKTNEKFHQIEKEFSEVEGRIQDL
EKYVEDTKIDLWSYNAELLVALENQHTIDLTDSEMNKLFEKTKKQLRENAEDMGNGCFKIYHKCDNACIGSIRNGTYDHD
VYRDEALNNRFQIKGV
;
B
#
loop_
_chem_comp.id
_chem_comp.type
_chem_comp.name
_chem_comp.formula
BMA D-saccharide, beta linking beta-D-mannopyranose 'C6 H12 O6'
FUL L-saccharide, beta linking beta-L-fucopyranose 'C6 H12 O5'
MAN D-saccharide, alpha linking alpha-D-mannopyranose 'C6 H12 O6'
NAG D-saccharide, beta linking 2-acetamido-2-deoxy-beta-D-glucopyranose 'C8 H15 N O6'
SIA D-saccharide, alpha linking 'N-acetyl-alpha-neuraminic acid' 'C11 H19 N O9'
#
# COMPACT_ATOMS: atom_id res chain seq x y z
N PRO A 1 63.13 -19.31 -8.20
CA PRO A 1 62.00 -19.61 -7.32
C PRO A 1 60.76 -18.78 -7.63
N GLY A 2 60.85 -17.45 -7.53
CA GLY A 2 59.75 -16.57 -7.91
C GLY A 2 58.65 -16.36 -6.88
N ALA A 3 57.44 -16.11 -7.37
CA ALA A 3 56.27 -15.94 -6.54
C ALA A 3 55.01 -16.36 -7.27
N THR A 4 53.95 -16.53 -6.50
CA THR A 4 52.61 -16.77 -7.05
CA THR A 4 52.61 -16.82 -7.01
C THR A 4 51.66 -15.72 -6.50
N LEU A 5 50.82 -15.17 -7.39
CA LEU A 5 49.83 -14.17 -7.00
C LEU A 5 48.49 -14.61 -7.54
N CYS A 6 47.55 -14.83 -6.63
CA CYS A 6 46.23 -15.34 -6.95
C CYS A 6 45.19 -14.26 -6.76
N LEU A 7 44.31 -14.14 -7.73
CA LEU A 7 43.17 -13.25 -7.65
C LEU A 7 42.00 -14.08 -7.17
N GLY A 8 41.17 -13.49 -6.31
CA GLY A 8 40.02 -14.19 -5.82
C GLY A 8 38.98 -13.26 -5.26
N HIS A 9 37.96 -13.87 -4.69
CA HIS A 9 36.80 -13.17 -4.20
C HIS A 9 36.35 -13.85 -2.91
N HIS A 10 35.53 -13.16 -2.13
CA HIS A 10 35.11 -13.70 -0.86
C HIS A 10 34.02 -14.75 -1.04
N ALA A 11 33.77 -15.45 0.03
CA ALA A 11 32.63 -16.33 0.17
C ALA A 11 32.18 -16.30 1.65
N VAL A 12 30.98 -16.79 1.93
CA VAL A 12 30.45 -16.78 3.29
C VAL A 12 30.01 -18.19 3.61
N PRO A 13 30.00 -18.52 4.91
CA PRO A 13 29.54 -19.85 5.32
C PRO A 13 28.03 -19.97 5.24
N ASN A 14 27.28 -18.88 5.29
CA ASN A 14 25.81 -18.91 5.29
C ASN A 14 25.23 -18.13 4.08
N GLY A 15 25.31 -18.70 2.88
CA GLY A 15 24.74 -18.01 1.70
C GLY A 15 23.21 -18.06 1.69
N THR A 16 22.61 -17.32 0.75
CA THR A 16 21.15 -17.30 0.56
C THR A 16 20.77 -17.65 -0.88
N ILE A 17 19.69 -18.40 -1.02
CA ILE A 17 19.21 -18.86 -2.32
C ILE A 17 18.34 -17.79 -2.97
N VAL A 18 18.64 -17.44 -4.22
CA VAL A 18 17.81 -16.54 -4.97
C VAL A 18 17.46 -17.16 -6.32
N LYS A 19 16.48 -16.56 -6.99
CA LYS A 19 16.08 -16.90 -8.37
C LYS A 19 16.73 -15.96 -9.37
N THR A 20 17.00 -16.51 -10.54
CA THR A 20 17.53 -15.75 -11.65
C THR A 20 16.79 -16.14 -12.91
N ILE A 21 17.15 -15.52 -14.01
CA ILE A 21 16.56 -15.83 -15.32
C ILE A 21 16.85 -17.28 -15.76
N THR A 22 18.03 -17.79 -15.39
CA THR A 22 18.46 -19.11 -15.82
C THR A 22 18.44 -20.19 -14.76
N ASN A 23 18.18 -19.83 -13.51
CA ASN A 23 18.23 -20.83 -12.45
C ASN A 23 17.31 -20.44 -11.32
N ASP A 24 16.41 -21.32 -10.91
N ASP A 24 16.47 -21.40 -10.91
CA ASP A 24 15.49 -20.95 -9.85
CA ASP A 24 15.49 -21.20 -9.88
C ASP A 24 16.15 -21.01 -8.46
C ASP A 24 16.12 -21.13 -8.49
N GLN A 25 17.36 -21.58 -8.35
CA GLN A 25 18.02 -21.68 -7.08
C GLN A 25 19.51 -21.49 -7.22
N ILE A 26 20.00 -20.30 -6.94
CA ILE A 26 21.41 -20.08 -6.95
CA ILE A 26 21.43 -19.97 -6.99
C ILE A 26 21.78 -19.35 -5.66
N GLU A 27 22.89 -19.79 -5.07
CA GLU A 27 23.31 -19.24 -3.79
C GLU A 27 24.18 -18.01 -4.00
N VAL A 28 23.81 -16.93 -3.33
CA VAL A 28 24.60 -15.71 -3.31
C VAL A 28 25.07 -15.42 -1.88
N THR A 29 26.01 -14.50 -1.73
CA THR A 29 26.59 -14.21 -0.43
C THR A 29 25.61 -13.49 0.48
N ASN A 30 24.66 -12.77 -0.11
CA ASN A 30 23.70 -11.99 0.65
C ASN A 30 22.52 -11.59 -0.24
N ALA A 31 21.38 -11.32 0.40
CA ALA A 31 20.19 -10.91 -0.30
C ALA A 31 19.31 -10.12 0.67
N THR A 32 18.33 -9.42 0.13
CA THR A 32 17.41 -8.66 0.96
C THR A 32 15.98 -8.96 0.49
N GLU A 33 15.06 -9.01 1.43
CA GLU A 33 13.65 -9.31 1.16
C GLU A 33 12.92 -8.11 0.56
N LEU A 34 12.27 -8.31 -0.57
CA LEU A 34 11.48 -7.24 -1.19
C LEU A 34 9.98 -7.24 -0.88
N VAL A 35 9.47 -8.29 -0.24
CA VAL A 35 8.06 -8.40 0.07
C VAL A 35 7.84 -8.27 1.57
N GLN A 36 7.09 -7.24 1.98
CA GLN A 36 6.73 -7.06 3.38
C GLN A 36 5.59 -8.01 3.68
N SER A 37 5.77 -8.87 4.67
CA SER A 37 4.79 -9.91 4.95
C SER A 37 4.26 -9.87 6.37
N SER A 38 4.67 -8.89 7.17
CA SER A 38 4.25 -8.81 8.56
C SER A 38 3.73 -7.43 8.86
N SER A 39 2.76 -7.40 9.79
CA SER A 39 2.29 -6.17 10.43
CA SER A 39 2.29 -6.17 10.43
C SER A 39 2.47 -6.35 11.93
N THR A 40 2.61 -5.23 12.65
CA THR A 40 2.56 -5.27 14.12
C THR A 40 1.14 -5.49 14.63
N GLY A 41 0.13 -5.25 13.79
CA GLY A 41 -1.24 -5.59 14.17
C GLY A 41 -2.06 -4.42 14.70
N GLU A 42 -1.45 -3.24 14.76
CA GLU A 42 -2.16 -2.02 15.17
CA GLU A 42 -2.18 -2.03 15.16
C GLU A 42 -2.14 -1.01 14.03
N ILE A 43 -3.20 -0.22 13.94
CA ILE A 43 -3.24 0.86 12.97
C ILE A 43 -2.66 2.04 13.72
N CYS A 44 -1.54 2.55 13.24
CA CYS A 44 -0.89 3.67 13.92
C CYS A 44 -1.74 4.95 13.74
N ASP A 45 -1.98 5.68 14.82
CA ASP A 45 -2.75 6.93 14.78
C ASP A 45 -2.05 8.13 14.11
N SER A 46 -0.79 7.92 13.71
CA SER A 46 -0.02 8.93 12.98
C SER A 46 0.66 8.28 11.77
N PRO A 47 0.94 9.03 10.71
CA PRO A 47 0.65 10.47 10.61
C PRO A 47 -0.73 10.83 10.00
N HIS A 48 -1.59 9.84 9.72
CA HIS A 48 -2.88 10.11 9.13
C HIS A 48 -3.88 10.30 10.24
N GLN A 49 -4.88 11.15 10.01
CA GLN A 49 -5.94 11.41 10.98
C GLN A 49 -6.91 10.24 10.91
N ILE A 50 -6.91 9.42 11.95
CA ILE A 50 -7.74 8.23 12.04
C ILE A 50 -8.99 8.55 12.80
N LEU A 51 -10.13 8.09 12.30
CA LEU A 51 -11.38 8.23 13.02
C LEU A 51 -11.95 6.83 13.21
N ASP A 52 -11.91 6.37 14.44
CA ASP A 52 -12.37 5.02 14.76
C ASP A 52 -13.87 5.11 14.88
N GLY A 53 -14.60 4.47 13.98
CA GLY A 53 -16.07 4.44 14.02
C GLY A 53 -16.66 3.77 15.25
N GLU A 54 -15.90 2.87 15.86
CA GLU A 54 -16.31 2.19 17.10
C GLU A 54 -17.61 1.47 16.83
N ASN A 55 -18.71 1.81 17.50
CA ASN A 55 -19.99 1.16 17.21
C ASN A 55 -20.73 1.69 15.99
N CYS A 56 -20.19 2.71 15.32
CA CYS A 56 -20.90 3.42 14.28
C CYS A 56 -20.29 3.19 12.90
N THR A 57 -21.14 2.86 11.94
CA THR A 57 -20.79 2.95 10.54
C THR A 57 -20.71 4.44 10.17
N LEU A 58 -20.02 4.74 9.08
CA LEU A 58 -20.01 6.10 8.56
C LEU A 58 -21.44 6.61 8.33
N ILE A 59 -22.30 5.74 7.75
CA ILE A 59 -23.66 6.12 7.41
C ILE A 59 -24.45 6.47 8.67
N ASP A 60 -24.33 5.63 9.70
CA ASP A 60 -24.97 5.95 10.98
C ASP A 60 -24.47 7.25 11.60
N ALA A 61 -23.17 7.50 11.51
CA ALA A 61 -22.61 8.78 11.98
C ALA A 61 -23.15 9.95 11.16
N LEU A 62 -23.31 9.72 9.85
CA LEU A 62 -23.84 10.73 8.93
C LEU A 62 -25.30 11.08 9.27
N LEU A 63 -26.14 10.04 9.35
CA LEU A 63 -27.55 10.25 9.59
C LEU A 63 -27.78 10.85 11.00
N GLY A 64 -26.95 10.43 11.95
CA GLY A 64 -27.01 10.95 13.31
C GLY A 64 -27.78 10.03 14.26
N ASP A 65 -27.47 8.74 14.21
CA ASP A 65 -27.90 7.76 15.20
C ASP A 65 -27.37 8.23 16.57
N PRO A 66 -28.22 8.30 17.61
CA PRO A 66 -27.82 8.86 18.91
C PRO A 66 -26.47 8.44 19.44
N GLN A 67 -26.19 7.15 19.42
CA GLN A 67 -24.86 6.68 19.85
C GLN A 67 -23.66 7.25 19.04
N CYS A 68 -23.94 7.86 17.88
CA CYS A 68 -22.92 8.48 17.05
C CYS A 68 -22.84 10.00 17.19
N ASP A 69 -23.52 10.58 18.19
CA ASP A 69 -23.57 12.03 18.35
C ASP A 69 -22.19 12.64 18.50
N GLY A 70 -21.26 11.92 19.13
CA GLY A 70 -19.88 12.36 19.29
C GLY A 70 -19.10 12.56 17.98
N PHE A 71 -19.60 12.01 16.87
CA PHE A 71 -18.97 12.17 15.55
C PHE A 71 -19.28 13.50 14.82
N GLN A 72 -20.20 14.32 15.37
CA GLN A 72 -20.65 15.49 14.63
C GLN A 72 -19.51 16.37 14.18
N ASN A 73 -19.52 16.69 12.90
CA ASN A 73 -18.58 17.60 12.27
C ASN A 73 -17.12 17.15 12.24
N LYS A 74 -16.81 15.92 12.64
CA LYS A 74 -15.41 15.48 12.63
C LYS A 74 -14.92 15.23 11.21
N LYS A 75 -13.61 15.27 11.06
CA LYS A 75 -12.92 14.98 9.82
C LYS A 75 -12.01 13.78 10.01
N TRP A 76 -11.56 13.23 8.89
CA TRP A 76 -10.65 12.07 8.88
C TRP A 76 -9.89 12.02 7.59
N ASP A 77 -8.69 11.47 7.67
CA ASP A 77 -8.01 10.93 6.54
C ASP A 77 -8.54 9.54 6.32
N LEU A 78 -8.64 8.72 7.37
CA LEU A 78 -9.16 7.37 7.27
C LEU A 78 -10.17 7.06 8.35
N PHE A 79 -11.41 6.80 7.94
CA PHE A 79 -12.46 6.37 8.84
C PHE A 79 -12.36 4.86 8.97
N VAL A 80 -12.33 4.35 10.20
CA VAL A 80 -12.19 2.91 10.40
C VAL A 80 -13.50 2.35 10.90
N GLU A 81 -14.14 1.49 10.09
CA GLU A 81 -15.40 0.82 10.44
C GLU A 81 -15.16 -0.56 11.02
N ARG A 82 -15.83 -0.84 12.12
CA ARG A 82 -15.56 -2.00 12.94
C ARG A 82 -16.63 -3.02 12.65
N SER A 83 -16.28 -4.29 12.73
CA SER A 83 -17.26 -5.34 12.46
C SER A 83 -18.33 -5.44 13.56
N LYS A 84 -18.05 -4.95 14.77
CA LYS A 84 -19.04 -4.92 15.87
C LYS A 84 -20.09 -3.80 15.74
N ALA A 85 -19.97 -2.90 14.76
CA ALA A 85 -20.89 -1.79 14.62
C ALA A 85 -22.34 -2.27 14.49
N TYR A 86 -23.28 -1.46 14.95
CA TYR A 86 -24.68 -1.77 14.78
C TYR A 86 -25.48 -0.46 14.81
N SER A 87 -26.60 -0.49 14.12
CA SER A 87 -27.56 0.61 14.10
C SER A 87 -28.53 0.48 15.28
N ASN A 88 -28.93 1.62 15.84
CA ASN A 88 -29.81 1.62 17.01
C ASN A 88 -30.77 2.80 16.97
N CYS A 89 -31.28 3.12 15.79
CA CYS A 89 -32.20 4.23 15.58
C CYS A 89 -33.32 3.65 14.73
N TYR A 90 -34.00 4.47 13.94
CA TYR A 90 -35.09 3.95 13.13
C TYR A 90 -34.54 3.05 12.03
N PRO A 91 -35.16 1.89 11.80
CA PRO A 91 -34.64 1.06 10.71
C PRO A 91 -34.75 1.74 9.34
N TYR A 92 -33.74 1.50 8.50
CA TYR A 92 -33.61 2.18 7.22
C TYR A 92 -32.84 1.37 6.21
N ASP A 93 -32.99 1.75 4.95
CA ASP A 93 -32.06 1.34 3.92
C ASP A 93 -31.66 2.55 3.09
N VAL A 94 -30.60 2.37 2.34
CA VAL A 94 -30.09 3.35 1.42
C VAL A 94 -29.91 2.60 0.12
N PRO A 95 -30.82 2.82 -0.85
CA PRO A 95 -30.52 2.35 -2.21
C PRO A 95 -29.13 2.88 -2.62
N ASP A 96 -28.27 2.03 -3.16
CA ASP A 96 -26.88 2.44 -3.44
C ASP A 96 -26.17 3.04 -2.20
N TYR A 97 -26.37 2.36 -1.07
CA TYR A 97 -25.59 2.53 0.16
C TYR A 97 -24.09 2.69 -0.14
N ALA A 98 -23.53 1.77 -0.93
CA ALA A 98 -22.10 1.75 -1.21
C ALA A 98 -21.56 3.07 -1.79
N SER A 99 -22.34 3.70 -2.64
CA SER A 99 -21.97 4.99 -3.24
C SER A 99 -22.01 6.13 -2.26
N LEU A 100 -23.05 6.19 -1.44
CA LEU A 100 -23.17 7.23 -0.42
C LEU A 100 -22.02 7.11 0.58
N ARG A 101 -21.82 5.90 1.09
CA ARG A 101 -20.69 5.58 1.96
C ARG A 101 -19.34 6.03 1.33
N SER A 102 -19.15 5.69 0.07
CA SER A 102 -17.96 6.07 -0.64
C SER A 102 -17.77 7.57 -0.80
N LEU A 103 -18.80 8.28 -1.27
CA LEU A 103 -18.63 9.71 -1.53
C LEU A 103 -18.40 10.53 -0.22
N VAL A 104 -19.02 10.09 0.86
CA VAL A 104 -18.79 10.70 2.20
C VAL A 104 -17.37 10.36 2.71
N ALA A 105 -17.01 9.09 2.63
CA ALA A 105 -15.64 8.65 2.98
C ALA A 105 -14.58 9.47 2.30
N SER A 106 -14.79 9.69 1.01
CA SER A 106 -13.84 10.38 0.19
C SER A 106 -13.82 11.88 0.48
N SER A 107 -14.98 12.41 0.82
CA SER A 107 -15.12 13.80 1.20
C SER A 107 -14.35 14.07 2.48
N GLY A 108 -14.41 13.13 3.41
CA GLY A 108 -13.51 13.15 4.56
C GLY A 108 -13.96 14.07 5.68
N THR A 109 -15.24 14.46 5.67
CA THR A 109 -15.80 15.30 6.72
C THR A 109 -17.27 15.07 6.95
N LEU A 110 -17.70 15.26 8.20
CA LEU A 110 -19.11 15.26 8.57
C LEU A 110 -19.62 16.66 8.92
N GLU A 111 -18.88 17.70 8.50
CA GLU A 111 -19.29 19.08 8.72
C GLU A 111 -20.70 19.25 8.19
N PHE A 112 -21.58 19.69 9.07
CA PHE A 112 -22.99 19.87 8.80
C PHE A 112 -23.38 21.30 9.17
N ASN A 113 -24.09 21.97 8.28
CA ASN A 113 -24.62 23.31 8.53
C ASN A 113 -26.14 23.23 8.53
N ASN A 114 -26.74 23.59 9.66
CA ASN A 114 -28.20 23.68 9.76
C ASN A 114 -28.73 24.77 8.88
N GLU A 115 -29.85 24.51 8.23
CA GLU A 115 -30.56 25.50 7.46
C GLU A 115 -32.02 25.59 7.94
N SER A 116 -32.58 26.81 7.89
CA SER A 116 -33.98 27.07 8.24
C SER A 116 -34.89 26.91 7.01
N PHE A 117 -35.42 25.71 6.85
CA PHE A 117 -36.46 25.43 5.86
C PHE A 117 -37.80 25.96 6.41
N ASN A 118 -38.57 26.62 5.55
CA ASN A 118 -39.91 27.11 5.94
C ASN A 118 -40.87 25.91 5.97
N TRP A 119 -40.94 25.20 7.10
CA TRP A 119 -41.90 24.08 7.26
C TRP A 119 -43.17 24.57 7.96
N THR A 120 -44.17 24.94 7.14
CA THR A 120 -45.51 25.27 7.64
C THR A 120 -46.55 24.38 6.92
N GLY A 121 -47.54 23.93 7.68
CA GLY A 121 -48.50 22.91 7.22
C GLY A 121 -48.28 21.53 7.82
N VAL A 122 -47.20 21.39 8.61
CA VAL A 122 -46.80 20.10 9.17
C VAL A 122 -46.20 20.27 10.59
N THR A 123 -46.24 19.20 11.37
CA THR A 123 -45.50 19.14 12.62
C THR A 123 -44.10 18.56 12.33
N GLN A 124 -43.11 19.28 12.82
CA GLN A 124 -41.72 18.87 12.70
C GLN A 124 -41.34 17.97 13.86
N ASN A 125 -40.10 17.48 13.80
CA ASN A 125 -39.45 16.82 14.93
C ASN A 125 -40.12 15.52 15.38
N GLY A 126 -40.66 14.75 14.43
CA GLY A 126 -41.21 13.44 14.77
C GLY A 126 -40.17 12.54 15.44
N THR A 127 -40.61 11.79 16.44
CA THR A 127 -39.72 10.89 17.17
C THR A 127 -40.29 9.47 17.24
N SER A 128 -39.49 8.55 17.76
CA SER A 128 -39.86 7.13 17.87
C SER A 128 -39.14 6.48 19.03
N SER A 129 -39.69 5.35 19.48
CA SER A 129 -39.17 4.60 20.63
C SER A 129 -38.00 3.73 20.21
N ALA A 130 -37.88 3.47 18.93
CA ALA A 130 -36.73 2.74 18.39
C ALA A 130 -35.47 3.59 18.18
N CYS A 131 -35.53 4.89 18.51
CA CYS A 131 -34.36 5.76 18.42
C CYS A 131 -34.27 6.63 19.67
N ILE A 132 -33.80 6.00 20.73
CA ILE A 132 -33.69 6.60 22.05
C ILE A 132 -32.45 7.49 22.13
N ARG A 133 -32.67 8.78 22.36
CA ARG A 133 -31.61 9.75 22.57
C ARG A 133 -31.76 10.33 23.98
N ARG A 134 -30.75 10.11 24.81
CA ARG A 134 -30.70 10.62 26.18
C ARG A 134 -31.97 10.23 26.95
N SER A 135 -32.25 8.93 26.95
CA SER A 135 -33.41 8.35 27.63
C SER A 135 -34.74 9.02 27.27
N ASN A 136 -34.93 9.26 25.97
CA ASN A 136 -36.16 9.90 25.47
C ASN A 136 -36.32 9.62 23.99
N ASN A 137 -37.52 9.21 23.57
CA ASN A 137 -37.79 8.95 22.14
C ASN A 137 -37.23 10.09 21.32
N SER A 138 -36.60 9.74 20.21
CA SER A 138 -35.89 10.71 19.39
C SER A 138 -35.83 10.23 17.96
N PHE A 139 -34.95 10.85 17.19
CA PHE A 139 -34.76 10.52 15.80
C PHE A 139 -33.33 10.83 15.36
N PHE A 140 -32.98 10.43 14.13
CA PHE A 140 -31.72 10.83 13.51
C PHE A 140 -31.52 12.35 13.64
N SER A 141 -30.42 12.75 14.27
CA SER A 141 -30.13 14.17 14.52
C SER A 141 -30.18 15.08 13.28
N ARG A 142 -29.82 14.52 12.12
CA ARG A 142 -29.72 15.32 10.90
C ARG A 142 -30.97 15.26 10.03
N LEU A 143 -31.98 14.49 10.48
CA LEU A 143 -33.22 14.37 9.75
C LEU A 143 -34.38 14.96 10.57
N ASN A 144 -35.40 15.44 9.87
CA ASN A 144 -36.55 16.08 10.51
C ASN A 144 -37.77 15.32 10.01
N TRP A 145 -38.32 14.49 10.89
CA TRP A 145 -39.50 13.69 10.54
C TRP A 145 -40.76 14.59 10.59
N LEU A 146 -41.30 14.85 9.40
CA LEU A 146 -42.40 15.78 9.18
C LEU A 146 -43.74 15.04 9.11
N THR A 147 -44.64 15.41 10.03
CA THR A 147 -45.99 14.83 10.23
C THR A 147 -47.06 15.96 10.16
N HIS A 148 -48.36 15.64 10.33
CA HIS A 148 -49.48 16.62 10.14
C HIS A 148 -49.51 17.84 11.08
N LEU A 149 -50.42 18.78 10.83
CA LEU A 149 -50.81 19.81 11.83
C LEU A 149 -52.35 19.91 11.94
N LYS A 150 -52.89 19.30 13.00
CA LYS A 150 -54.34 19.24 13.30
C LYS A 150 -55.15 18.45 12.25
N PHE A 151 -54.81 17.17 12.08
CA PHE A 151 -55.40 16.28 11.06
C PHE A 151 -55.45 16.92 9.65
N LYS A 152 -54.40 17.68 9.30
CA LYS A 152 -54.30 18.39 8.00
C LYS A 152 -52.83 18.54 7.56
N TYR A 153 -52.62 18.59 6.25
CA TYR A 153 -51.28 18.47 5.65
C TYR A 153 -51.33 18.97 4.19
N PRO A 154 -50.98 20.26 3.94
CA PRO A 154 -50.99 20.76 2.55
C PRO A 154 -49.68 20.45 1.83
N ALA A 155 -49.67 20.63 0.51
CA ALA A 155 -48.54 20.28 -0.33
C ALA A 155 -47.35 21.21 -0.12
N LEU A 156 -46.36 20.75 0.64
CA LEU A 156 -45.12 21.50 0.90
C LEU A 156 -44.38 21.90 -0.38
N ASN A 157 -43.68 23.04 -0.34
CA ASN A 157 -43.03 23.59 -1.52
C ASN A 157 -41.91 24.55 -1.11
N VAL A 158 -40.91 23.98 -0.43
CA VAL A 158 -39.78 24.74 0.14
C VAL A 158 -38.55 24.72 -0.77
N THR A 159 -37.89 25.86 -0.87
CA THR A 159 -36.75 26.06 -1.75
C THR A 159 -35.54 26.43 -0.92
N MET A 160 -34.33 26.10 -1.39
CA MET A 160 -33.08 26.49 -0.72
C MET A 160 -31.92 26.61 -1.71
N PRO A 161 -31.41 27.85 -1.92
CA PRO A 161 -30.37 28.03 -2.92
C PRO A 161 -28.97 27.79 -2.35
N ASN A 162 -28.06 27.35 -3.21
CA ASN A 162 -26.67 27.15 -2.82
C ASN A 162 -25.87 28.33 -3.30
N ASN A 163 -25.62 29.28 -2.38
CA ASN A 163 -24.75 30.45 -2.62
C ASN A 163 -23.30 30.23 -2.21
N GLU A 164 -22.95 29.01 -1.81
CA GLU A 164 -21.62 28.71 -1.29
C GLU A 164 -20.64 28.47 -2.43
N LYS A 165 -19.38 28.20 -2.07
CA LYS A 165 -18.33 27.87 -3.05
C LYS A 165 -18.16 26.36 -3.27
N PHE A 166 -18.93 25.56 -2.55
CA PHE A 166 -18.76 24.12 -2.56
C PHE A 166 -20.10 23.46 -2.83
N ASP A 167 -20.01 22.20 -3.29
CA ASP A 167 -21.14 21.29 -3.40
C ASP A 167 -21.71 21.07 -2.01
N LYS A 168 -23.03 21.27 -1.89
CA LYS A 168 -23.80 20.84 -0.72
C LYS A 168 -24.31 19.44 -0.95
N LEU A 169 -24.27 18.63 0.11
CA LEU A 169 -24.83 17.29 0.14
C LEU A 169 -26.01 17.28 1.10
N TYR A 170 -27.20 17.01 0.54
CA TYR A 170 -28.42 16.92 1.32
C TYR A 170 -28.80 15.47 1.47
N ILE A 171 -28.96 15.03 2.72
CA ILE A 171 -29.51 13.72 3.01
C ILE A 171 -30.95 13.90 3.43
N TRP A 172 -31.83 13.10 2.82
CA TRP A 172 -33.28 13.14 3.05
C TRP A 172 -33.86 11.74 2.86
N GLY A 173 -35.15 11.57 3.12
CA GLY A 173 -35.74 10.23 3.04
C GLY A 173 -37.25 10.19 2.93
N VAL A 174 -37.80 8.98 2.92
CA VAL A 174 -39.22 8.76 2.86
C VAL A 174 -39.61 7.69 3.86
N HIS A 175 -40.69 7.93 4.58
CA HIS A 175 -41.23 6.94 5.50
C HIS A 175 -42.17 6.00 4.75
N HIS A 176 -42.01 4.71 5.03
CA HIS A 176 -42.87 3.64 4.51
C HIS A 176 -43.68 3.08 5.70
N PRO A 177 -44.96 3.50 5.86
CA PRO A 177 -45.73 3.12 7.07
C PRO A 177 -46.19 1.65 7.15
N VAL A 178 -46.33 1.13 8.37
CA VAL A 178 -46.56 -0.31 8.63
C VAL A 178 -47.87 -0.79 8.03
N THR A 179 -48.91 0.02 8.21
CA THR A 179 -50.27 -0.30 7.83
C THR A 179 -50.98 1.05 7.69
N ASP A 180 -52.29 1.11 7.92
CA ASP A 180 -52.96 2.39 8.19
C ASP A 180 -52.75 2.92 9.63
N ASN A 181 -52.27 2.08 10.56
CA ASN A 181 -51.94 2.51 11.94
C ASN A 181 -50.89 3.63 12.04
N ASP A 182 -50.05 3.79 11.00
CA ASP A 182 -49.15 4.95 10.88
C ASP A 182 -49.19 5.62 9.49
N GLN A 183 -50.31 5.45 8.78
CA GLN A 183 -50.65 6.18 7.55
C GLN A 183 -51.60 7.35 7.86
N ILE A 184 -52.60 7.12 8.73
CA ILE A 184 -53.57 8.15 9.14
C ILE A 184 -53.17 8.86 10.47
N PHE A 185 -52.19 8.31 11.21
CA PHE A 185 -51.72 8.92 12.48
C PHE A 185 -50.75 10.11 12.23
N PRO A 186 -49.59 9.90 11.55
CA PRO A 186 -48.67 11.03 11.33
C PRO A 186 -48.90 11.93 10.07
N TYR A 187 -49.71 11.54 9.09
CA TYR A 187 -49.90 12.37 7.86
C TYR A 187 -51.34 12.85 7.56
N ALA A 188 -52.34 12.17 8.13
CA ALA A 188 -53.76 12.58 8.10
C ALA A 188 -54.48 12.36 6.77
N GLN A 189 -54.09 11.32 6.02
CA GLN A 189 -54.64 11.03 4.69
C GLN A 189 -54.26 9.64 4.15
N ALA A 190 -54.91 9.26 3.05
CA ALA A 190 -54.66 7.96 2.41
C ALA A 190 -53.32 7.84 1.64
N SER A 191 -52.74 8.96 1.21
CA SER A 191 -51.63 8.97 0.23
C SER A 191 -50.62 10.12 0.45
N GLY A 192 -49.35 9.87 0.12
CA GLY A 192 -48.27 10.87 0.21
C GLY A 192 -47.22 10.72 -0.89
N ARG A 193 -46.33 11.71 -1.03
CA ARG A 193 -45.30 11.71 -2.09
C ARG A 193 -44.23 12.79 -1.89
N ILE A 194 -43.02 12.50 -2.39
CA ILE A 194 -41.84 13.35 -2.21
C ILE A 194 -41.14 13.60 -3.56
N THR A 195 -40.96 14.86 -3.95
CA THR A 195 -40.12 15.26 -5.12
C THR A 195 -38.99 16.21 -4.70
N VAL A 196 -37.72 15.75 -4.76
CA VAL A 196 -36.58 16.61 -4.44
C VAL A 196 -35.74 16.96 -5.68
N SER A 197 -35.92 18.20 -6.15
CA SER A 197 -35.33 18.68 -7.42
C SER A 197 -34.34 19.86 -7.28
N THR A 198 -33.67 20.14 -8.38
CA THR A 198 -32.73 21.26 -8.52
C THR A 198 -32.91 21.87 -9.93
N LYS A 199 -32.04 22.80 -10.33
CA LYS A 199 -31.99 23.20 -11.74
C LYS A 199 -31.60 22.04 -12.66
N ARG A 200 -30.68 21.19 -12.19
CA ARG A 200 -30.12 20.08 -12.99
C ARG A 200 -30.78 18.69 -12.76
N SER A 201 -31.41 18.49 -11.60
CA SER A 201 -31.82 17.14 -11.16
C SER A 201 -33.24 17.07 -10.60
N GLN A 202 -33.85 15.90 -10.70
CA GLN A 202 -35.12 15.60 -10.01
C GLN A 202 -35.12 14.15 -9.50
N GLN A 203 -35.48 13.96 -8.23
CA GLN A 203 -35.75 12.65 -7.67
C GLN A 203 -37.12 12.72 -7.03
N THR A 204 -37.97 11.78 -7.42
CA THR A 204 -39.33 11.68 -6.88
C THR A 204 -39.47 10.28 -6.27
N VAL A 205 -40.06 10.21 -5.07
CA VAL A 205 -40.23 8.95 -4.35
C VAL A 205 -41.67 8.77 -3.82
N ILE A 206 -42.19 7.55 -4.02
CA ILE A 206 -43.53 7.13 -3.56
C ILE A 206 -43.36 6.36 -2.22
N PRO A 207 -44.08 6.76 -1.15
CA PRO A 207 -44.15 5.92 0.06
C PRO A 207 -44.87 4.60 -0.20
N ASN A 208 -44.59 3.61 0.63
CA ASN A 208 -45.11 2.26 0.47
C ASN A 208 -45.71 1.83 1.78
N ILE A 209 -47.01 1.58 1.78
CA ILE A 209 -47.72 1.10 2.96
C ILE A 209 -47.53 -0.42 3.03
N GLY A 210 -46.94 -0.91 4.12
CA GLY A 210 -46.74 -2.35 4.28
C GLY A 210 -45.83 -2.70 5.44
N SER A 211 -46.19 -3.80 6.13
CA SER A 211 -45.38 -4.31 7.23
C SER A 211 -44.11 -4.97 6.66
N ARG A 212 -42.96 -4.62 7.25
CA ARG A 212 -41.66 -5.32 7.01
C ARG A 212 -41.36 -6.29 8.17
N PRO A 213 -40.39 -7.21 7.98
CA PRO A 213 -39.89 -7.96 9.12
C PRO A 213 -39.36 -7.01 10.18
N ARG A 214 -39.79 -7.19 11.43
CA ARG A 214 -39.40 -6.29 12.52
C ARG A 214 -37.88 -6.24 12.71
N VAL A 215 -37.32 -5.03 12.75
CA VAL A 215 -35.90 -4.82 13.06
C VAL A 215 -35.87 -3.96 14.33
N ARG A 216 -35.30 -4.52 15.40
CA ARG A 216 -35.39 -3.96 16.75
C ARG A 216 -36.84 -3.57 17.07
N ASN A 217 -37.74 -4.50 16.74
CA ASN A 217 -39.19 -4.43 16.99
C ASN A 217 -40.03 -3.40 16.21
N ILE A 218 -39.46 -2.72 15.20
CA ILE A 218 -40.21 -1.82 14.28
C ILE A 218 -40.37 -2.48 12.90
N PRO A 219 -41.62 -2.52 12.36
CA PRO A 219 -41.80 -3.10 11.02
C PRO A 219 -41.97 -2.09 9.86
N SER A 220 -41.96 -0.79 10.14
CA SER A 220 -41.91 0.21 9.07
C SER A 220 -40.45 0.50 8.74
N ARG A 221 -40.20 1.18 7.63
CA ARG A 221 -38.84 1.51 7.18
C ARG A 221 -38.74 2.95 6.73
N ILE A 222 -37.52 3.44 6.67
CA ILE A 222 -37.20 4.68 6.01
C ILE A 222 -36.21 4.37 4.89
N SER A 223 -36.42 4.97 3.72
CA SER A 223 -35.48 4.83 2.60
C SER A 223 -34.76 6.17 2.45
N ILE A 224 -33.43 6.11 2.40
CA ILE A 224 -32.59 7.29 2.46
C ILE A 224 -32.04 7.55 1.07
N TYR A 225 -32.10 8.81 0.64
CA TYR A 225 -31.60 9.29 -0.65
C TYR A 225 -30.72 10.49 -0.43
N TRP A 226 -30.00 10.89 -1.47
CA TRP A 226 -29.18 12.08 -1.42
C TRP A 226 -29.22 12.88 -2.69
N THR A 227 -28.83 14.15 -2.56
CA THR A 227 -28.88 15.14 -3.61
C THR A 227 -27.73 16.11 -3.40
N ILE A 228 -26.90 16.25 -4.42
CA ILE A 228 -25.82 17.23 -4.37
C ILE A 228 -26.27 18.48 -5.08
N VAL A 229 -26.05 19.64 -4.45
CA VAL A 229 -26.47 20.90 -5.01
C VAL A 229 -25.21 21.74 -5.20
N LYS A 230 -24.93 22.07 -6.45
CA LYS A 230 -23.75 22.83 -6.82
C LYS A 230 -23.98 24.33 -6.61
N PRO A 231 -22.88 25.11 -6.51
CA PRO A 231 -22.99 26.57 -6.36
C PRO A 231 -23.78 27.21 -7.49
N GLY A 232 -24.66 28.14 -7.14
CA GLY A 232 -25.57 28.75 -8.10
C GLY A 232 -26.86 27.97 -8.32
N ASP A 233 -26.92 26.74 -7.84
CA ASP A 233 -28.10 25.92 -7.99
C ASP A 233 -28.94 26.04 -6.72
N ILE A 234 -30.11 25.41 -6.74
CA ILE A 234 -31.14 25.54 -5.71
C ILE A 234 -31.78 24.17 -5.51
N LEU A 235 -31.97 23.78 -4.24
CA LEU A 235 -32.73 22.59 -3.87
C LEU A 235 -34.21 22.95 -3.79
N LEU A 236 -35.09 22.07 -4.32
CA LEU A 236 -36.55 22.21 -4.13
C LEU A 236 -37.19 20.92 -3.62
N ILE A 237 -38.01 21.06 -2.58
CA ILE A 237 -38.74 19.96 -1.98
C ILE A 237 -40.25 20.21 -2.08
N ASN A 238 -40.89 19.59 -3.07
CA ASN A 238 -42.36 19.41 -3.14
C ASN A 238 -42.72 18.14 -2.37
N SER A 239 -43.50 18.25 -1.29
CA SER A 239 -43.96 17.04 -0.59
C SER A 239 -45.41 17.14 -0.19
N THR A 240 -46.12 16.03 -0.42
CA THR A 240 -47.52 15.90 -0.05
C THR A 240 -47.70 14.89 1.09
N GLY A 241 -46.61 14.56 1.79
CA GLY A 241 -46.65 13.52 2.83
C GLY A 241 -45.38 12.68 2.91
N ASN A 242 -45.11 12.16 4.12
CA ASN A 242 -44.09 11.14 4.39
C ASN A 242 -42.64 11.61 4.32
N LEU A 243 -42.41 12.92 4.22
CA LEU A 243 -41.06 13.43 4.01
C LEU A 243 -40.23 13.25 5.28
N ILE A 244 -39.02 12.71 5.08
CA ILE A 244 -37.97 12.73 6.08
C ILE A 244 -37.01 13.79 5.57
N ALA A 245 -37.14 14.99 6.12
CA ALA A 245 -36.51 16.17 5.54
C ALA A 245 -35.12 16.39 6.10
N PRO A 246 -34.25 17.06 5.33
CA PRO A 246 -32.94 17.45 5.84
C PRO A 246 -33.08 18.64 6.80
N ARG A 247 -32.23 18.68 7.82
CA ARG A 247 -32.10 19.86 8.69
C ARG A 247 -31.03 20.81 8.17
N GLY A 248 -30.39 20.44 7.06
CA GLY A 248 -29.33 21.23 6.47
C GLY A 248 -28.51 20.39 5.51
N TYR A 249 -27.26 20.78 5.33
CA TYR A 249 -26.41 20.13 4.34
C TYR A 249 -25.08 19.76 4.95
N PHE A 250 -24.45 18.74 4.37
CA PHE A 250 -23.06 18.43 4.65
C PHE A 250 -22.21 19.11 3.59
N LYS A 251 -21.05 19.61 4.01
CA LYS A 251 -20.02 20.07 3.09
C LYS A 251 -19.43 18.89 2.35
N ILE A 252 -19.30 19.00 1.04
CA ILE A 252 -18.52 18.05 0.26
C ILE A 252 -17.13 18.66 0.10
N ARG A 253 -16.10 17.89 0.43
CA ARG A 253 -14.73 18.30 0.18
C ARG A 253 -14.08 17.30 -0.73
N SER A 254 -12.98 17.72 -1.34
CA SER A 254 -12.14 16.79 -2.05
C SER A 254 -10.78 16.74 -1.39
N GLY A 255 -10.23 15.54 -1.35
CA GLY A 255 -8.91 15.33 -0.81
C GLY A 255 -8.65 13.84 -0.77
N LYS A 256 -7.80 13.46 0.17
CA LYS A 256 -7.23 12.11 0.17
C LYS A 256 -7.94 11.19 1.16
N SER A 257 -9.14 11.55 1.60
CA SER A 257 -9.78 10.76 2.64
C SER A 257 -10.34 9.44 2.13
N SER A 258 -10.44 8.46 3.01
CA SER A 258 -11.07 7.19 2.68
C SER A 258 -11.68 6.51 3.91
N ILE A 259 -12.09 5.26 3.72
CA ILE A 259 -12.70 4.42 4.75
C ILE A 259 -12.12 3.03 4.57
N MET A 260 -12.02 2.31 5.68
CA MET A 260 -11.46 0.97 5.70
C MET A 260 -12.19 0.12 6.73
N ARG A 261 -12.54 -1.10 6.36
CA ARG A 261 -13.09 -2.09 7.30
C ARG A 261 -11.95 -2.82 7.97
N SER A 262 -11.86 -2.67 9.28
CA SER A 262 -10.80 -3.29 10.07
C SER A 262 -11.20 -3.40 11.51
N ASP A 263 -10.75 -4.47 12.15
CA ASP A 263 -10.88 -4.64 13.59
C ASP A 263 -9.56 -4.46 14.32
N ALA A 264 -8.50 -4.06 13.64
CA ALA A 264 -7.23 -3.85 14.32
C ALA A 264 -7.35 -2.68 15.31
N PRO A 265 -6.76 -2.80 16.52
CA PRO A 265 -6.77 -1.67 17.44
C PRO A 265 -5.94 -0.50 16.93
N ILE A 266 -6.29 0.72 17.35
CA ILE A 266 -5.54 1.91 17.01
C ILE A 266 -4.40 2.02 18.02
N GLY A 267 -3.16 2.20 17.58
CA GLY A 267 -2.04 2.35 18.50
C GLY A 267 -1.44 3.73 18.42
N LYS A 268 -0.64 4.07 19.41
CA LYS A 268 0.02 5.37 19.49
C LYS A 268 1.38 5.18 18.84
N CYS A 269 1.43 5.38 17.54
CA CYS A 269 2.63 5.15 16.78
C CYS A 269 2.50 5.84 15.42
N ASN A 270 3.59 5.79 14.65
CA ASN A 270 3.70 6.52 13.42
C ASN A 270 4.07 5.58 12.27
N SER A 271 3.15 5.38 11.33
CA SER A 271 3.39 4.55 10.17
C SER A 271 2.61 5.09 8.97
N GLU A 272 3.30 5.31 7.87
CA GLU A 272 2.68 5.88 6.66
C GLU A 272 1.67 4.92 6.01
N CYS A 273 1.90 3.61 6.11
CA CYS A 273 1.06 2.64 5.39
C CYS A 273 0.13 1.87 6.31
N ILE A 274 -1.17 1.94 6.02
CA ILE A 274 -2.18 1.23 6.76
C ILE A 274 -2.83 0.14 5.90
N THR A 275 -2.97 -1.06 6.49
CA THR A 275 -3.82 -2.11 5.96
C THR A 275 -4.83 -2.48 7.03
N PRO A 276 -5.87 -3.24 6.65
CA PRO A 276 -6.83 -3.77 7.63
C PRO A 276 -6.22 -4.65 8.74
N ASN A 277 -5.04 -5.22 8.49
CA ASN A 277 -4.31 -6.04 9.46
C ASN A 277 -3.51 -5.21 10.44
N GLY A 278 -3.39 -3.91 10.19
CA GLY A 278 -2.51 -3.05 10.92
C GLY A 278 -1.61 -2.33 9.96
N SER A 279 -0.92 -1.33 10.49
CA SER A 279 0.09 -0.63 9.75
C SER A 279 1.27 -1.58 9.40
N ILE A 280 1.96 -1.26 8.32
CA ILE A 280 3.11 -2.01 7.89
C ILE A 280 4.21 -1.03 7.51
N PRO A 281 5.47 -1.43 7.71
CA PRO A 281 6.56 -0.61 7.18
C PRO A 281 6.52 -0.53 5.68
N ASN A 282 7.04 0.56 5.13
CA ASN A 282 7.01 0.77 3.70
C ASN A 282 8.41 0.92 3.07
N ASP A 283 9.43 0.36 3.72
CA ASP A 283 10.78 0.27 3.11
C ASP A 283 10.77 -0.61 1.86
N LYS A 284 10.08 -1.73 1.89
CA LYS A 284 10.10 -2.66 0.76
C LYS A 284 9.18 -2.18 -0.36
N PRO A 285 9.46 -2.56 -1.62
CA PRO A 285 8.63 -2.15 -2.75
C PRO A 285 7.33 -2.94 -2.88
N PHE A 286 7.28 -4.12 -2.29
CA PHE A 286 6.13 -5.01 -2.41
C PHE A 286 5.70 -5.48 -1.04
N GLN A 287 4.46 -5.99 -0.97
CA GLN A 287 3.92 -6.52 0.25
C GLN A 287 2.86 -7.56 -0.05
N ASN A 288 2.71 -8.55 0.82
N ASN A 288 2.69 -8.50 0.88
CA ASN A 288 1.65 -9.53 0.65
CA ASN A 288 1.75 -9.60 0.74
C ASN A 288 0.77 -9.61 1.90
C ASN A 288 0.76 -9.60 1.89
N VAL A 289 0.60 -8.47 2.58
CA VAL A 289 -0.22 -8.40 3.76
C VAL A 289 -1.67 -8.25 3.37
N ASN A 290 -1.98 -7.26 2.55
CA ASN A 290 -3.37 -7.05 2.15
C ASN A 290 -3.44 -6.23 0.86
N ARG A 291 -4.34 -6.59 -0.03
CA ARG A 291 -4.62 -5.79 -1.22
C ARG A 291 -5.29 -4.44 -0.89
N ILE A 292 -5.87 -4.30 0.30
CA ILE A 292 -6.46 -3.05 0.75
C ILE A 292 -5.41 -2.30 1.52
N THR A 293 -5.13 -1.08 1.07
CA THR A 293 -4.13 -0.24 1.70
C THR A 293 -4.57 1.22 1.67
N TYR A 294 -3.95 1.99 2.53
CA TYR A 294 -4.11 3.43 2.57
C TYR A 294 -2.76 4.05 2.93
N GLY A 295 -2.32 5.03 2.15
CA GLY A 295 -1.08 5.76 2.43
C GLY A 295 0.05 5.35 1.51
N ALA A 296 1.27 5.66 1.91
CA ALA A 296 2.43 5.34 1.10
C ALA A 296 2.79 3.89 1.40
N CYS A 297 2.36 3.00 0.51
CA CYS A 297 2.40 1.59 0.77
C CYS A 297 3.19 0.84 -0.30
N PRO A 298 3.83 -0.27 0.09
CA PRO A 298 4.33 -1.18 -0.93
C PRO A 298 3.16 -1.74 -1.73
N ARG A 299 3.44 -2.15 -2.96
CA ARG A 299 2.44 -2.71 -3.82
C ARG A 299 2.15 -4.16 -3.51
N TYR A 300 0.86 -4.50 -3.52
CA TYR A 300 0.42 -5.84 -3.19
C TYR A 300 0.80 -6.80 -4.34
N VAL A 301 1.41 -7.90 -3.96
CA VAL A 301 1.71 -8.99 -4.88
C VAL A 301 1.34 -10.29 -4.22
N LYS A 302 1.26 -11.34 -5.02
CA LYS A 302 0.88 -12.66 -4.57
C LYS A 302 2.00 -13.44 -3.87
N GLN A 303 3.24 -13.17 -4.21
CA GLN A 303 4.36 -13.89 -3.62
C GLN A 303 4.54 -13.50 -2.16
N ASN A 304 4.92 -14.50 -1.34
N ASN A 304 4.91 -14.46 -1.32
CA ASN A 304 5.24 -14.34 0.09
CA ASN A 304 5.18 -14.13 0.09
C ASN A 304 6.65 -13.83 0.32
C ASN A 304 6.67 -13.87 0.36
N THR A 305 7.53 -14.04 -0.65
CA THR A 305 8.94 -13.66 -0.51
C THR A 305 9.51 -13.43 -1.91
N LEU A 306 10.32 -12.39 -2.06
CA LEU A 306 11.13 -12.17 -3.24
C LEU A 306 12.50 -11.62 -2.81
N LYS A 307 13.53 -12.46 -2.96
CA LYS A 307 14.87 -12.13 -2.48
C LYS A 307 15.69 -11.50 -3.60
N LEU A 308 16.13 -10.25 -3.37
CA LEU A 308 17.03 -9.56 -4.30
C LEU A 308 18.47 -9.82 -3.85
N ALA A 309 19.27 -10.42 -4.73
CA ALA A 309 20.69 -10.63 -4.44
C ALA A 309 21.36 -9.26 -4.18
N THR A 310 22.13 -9.18 -3.09
CA THR A 310 22.94 -7.99 -2.79
C THR A 310 24.41 -8.36 -2.67
N GLY A 311 24.79 -9.49 -3.26
CA GLY A 311 26.18 -9.90 -3.34
C GLY A 311 26.39 -10.90 -4.47
N MET A 312 27.62 -11.29 -4.64
CA MET A 312 28.00 -12.23 -5.67
C MET A 312 27.54 -13.65 -5.37
N ARG A 313 27.66 -14.48 -6.39
CA ARG A 313 27.51 -15.89 -6.21
C ARG A 313 28.42 -16.41 -5.11
N ASN A 314 27.86 -17.25 -4.25
CA ASN A 314 28.58 -17.83 -3.13
C ASN A 314 29.18 -19.16 -3.53
N VAL A 315 30.49 -19.26 -3.55
CA VAL A 315 31.17 -20.48 -3.99
C VAL A 315 32.06 -20.96 -2.84
N PRO A 316 31.48 -21.72 -1.91
CA PRO A 316 32.26 -22.14 -0.73
C PRO A 316 33.47 -23.04 -1.02
N GLU A 317 34.37 -23.03 -0.04
CA GLU A 317 35.79 -23.45 -0.13
C GLU A 317 35.97 -24.97 -0.20
N GLY B 1 28.53 -15.40 -13.69
CA GLY B 1 28.63 -16.56 -14.59
C GLY B 1 29.10 -16.17 -15.98
N ILE B 2 28.61 -15.04 -16.51
CA ILE B 2 28.76 -14.77 -17.94
C ILE B 2 30.22 -14.46 -18.35
N PHE B 3 31.04 -14.01 -17.40
CA PHE B 3 32.46 -13.72 -17.67
C PHE B 3 33.37 -14.87 -17.36
N GLY B 4 32.96 -15.77 -16.51
CA GLY B 4 33.69 -17.00 -16.38
C GLY B 4 34.71 -17.03 -15.24
N ALA B 5 34.74 -15.98 -14.42
CA ALA B 5 35.68 -15.93 -13.31
C ALA B 5 35.10 -16.57 -12.05
N ILE B 6 34.07 -15.97 -11.46
CA ILE B 6 33.43 -16.46 -10.24
C ILE B 6 32.63 -17.69 -10.62
N ALA B 7 32.85 -18.78 -9.90
CA ALA B 7 32.31 -20.10 -10.25
C ALA B 7 32.77 -20.61 -11.61
N GLY B 8 33.90 -20.12 -12.11
CA GLY B 8 34.45 -20.54 -13.38
C GLY B 8 35.92 -20.80 -13.15
N PHE B 9 36.81 -20.01 -13.74
CA PHE B 9 38.24 -20.28 -13.62
C PHE B 9 38.81 -20.04 -12.19
N ILE B 10 38.15 -19.22 -11.38
CA ILE B 10 38.46 -19.18 -9.96
CA ILE B 10 38.42 -19.15 -9.94
C ILE B 10 37.64 -20.30 -9.32
N GLU B 11 38.32 -21.28 -8.76
CA GLU B 11 37.67 -22.51 -8.27
C GLU B 11 36.65 -22.21 -7.17
N ASN B 12 37.02 -21.37 -6.23
CA ASN B 12 36.11 -21.02 -5.17
C ASN B 12 36.47 -19.70 -4.53
N GLY B 13 35.55 -19.24 -3.69
CA GLY B 13 35.72 -18.03 -2.93
C GLY B 13 36.48 -18.33 -1.67
N TRP B 14 36.88 -17.25 -0.99
CA TRP B 14 37.71 -17.24 0.20
C TRP B 14 36.87 -16.79 1.39
N GLU B 15 36.49 -17.72 2.26
CA GLU B 15 35.78 -17.34 3.50
C GLU B 15 36.61 -16.48 4.41
N GLY B 16 37.94 -16.66 4.36
CA GLY B 16 38.87 -15.85 5.15
C GLY B 16 39.08 -14.43 4.68
N MET B 17 38.53 -14.05 3.52
CA MET B 17 38.59 -12.64 3.10
C MET B 17 37.36 -11.91 3.60
N VAL B 18 37.50 -11.20 4.71
CA VAL B 18 36.38 -10.56 5.40
C VAL B 18 36.42 -9.04 5.29
N ASP B 19 37.45 -8.48 4.67
CA ASP B 19 37.55 -7.03 4.57
C ASP B 19 37.41 -6.54 3.14
N GLY B 20 36.97 -7.41 2.27
CA GLY B 20 36.67 -7.03 0.90
C GLY B 20 36.02 -8.16 0.15
N TRP B 21 35.53 -7.82 -1.02
CA TRP B 21 34.84 -8.79 -1.89
C TRP B 21 35.80 -9.46 -2.88
N TYR B 22 36.83 -8.73 -3.29
CA TYR B 22 37.83 -9.21 -4.21
C TYR B 22 39.18 -8.91 -3.59
N GLY B 23 40.19 -9.68 -3.99
CA GLY B 23 41.54 -9.40 -3.57
C GLY B 23 42.57 -10.37 -4.08
N PHE B 24 43.69 -10.38 -3.38
CA PHE B 24 44.91 -11.03 -3.80
C PHE B 24 45.42 -11.95 -2.69
N ARG B 25 45.79 -13.17 -3.04
CA ARG B 25 46.63 -14.01 -2.20
C ARG B 25 47.97 -14.20 -2.90
N HIS B 26 49.04 -14.31 -2.12
CA HIS B 26 50.38 -14.44 -2.67
C HIS B 26 51.19 -15.41 -1.86
N GLN B 27 52.13 -16.03 -2.53
CA GLN B 27 53.21 -16.74 -1.90
C GLN B 27 54.53 -16.23 -2.46
N ASN B 28 55.45 -15.91 -1.56
CA ASN B 28 56.77 -15.43 -1.95
C ASN B 28 57.82 -15.87 -0.93
N SER B 29 59.02 -15.28 -1.01
CA SER B 29 60.11 -15.58 -0.07
C SER B 29 59.75 -15.31 1.39
N GLU B 30 58.89 -14.32 1.65
CA GLU B 30 58.57 -13.90 3.01
C GLU B 30 57.29 -14.52 3.60
N GLY B 31 56.67 -15.47 2.88
CA GLY B 31 55.45 -16.14 3.32
C GLY B 31 54.27 -16.09 2.36
N ILE B 32 53.08 -16.26 2.93
CA ILE B 32 51.83 -16.36 2.20
C ILE B 32 50.86 -15.35 2.80
N GLY B 33 50.34 -14.45 1.97
CA GLY B 33 49.47 -13.38 2.49
C GLY B 33 48.21 -13.16 1.67
N GLN B 34 47.38 -12.28 2.19
CA GLN B 34 46.09 -11.93 1.62
C GLN B 34 45.89 -10.44 1.84
N ALA B 35 45.43 -9.73 0.80
CA ALA B 35 44.97 -8.36 0.92
C ALA B 35 43.74 -8.14 0.02
N ALA B 36 42.74 -7.46 0.58
CA ALA B 36 41.54 -7.06 -0.19
C ALA B 36 41.85 -5.94 -1.17
N ASP B 37 41.14 -5.91 -2.30
CA ASP B 37 41.23 -4.81 -3.25
C ASP B 37 39.98 -3.95 -3.05
N LEU B 38 40.19 -2.71 -2.61
CA LEU B 38 39.06 -1.86 -2.23
C LEU B 38 38.32 -1.30 -3.44
N LYS B 39 39.05 -0.96 -4.51
CA LYS B 39 38.45 -0.36 -5.72
C LYS B 39 37.42 -1.29 -6.42
N SER B 40 37.80 -2.56 -6.62
CA SER B 40 36.90 -3.53 -7.25
C SER B 40 35.72 -3.83 -6.32
N THR B 41 36.02 -3.97 -5.04
CA THR B 41 35.00 -4.18 -4.02
C THR B 41 33.96 -3.04 -4.04
N GLN B 42 34.45 -1.80 -4.05
CA GLN B 42 33.57 -0.63 -4.01
C GLN B 42 32.82 -0.50 -5.35
N ALA B 43 33.46 -0.85 -6.46
CA ALA B 43 32.77 -0.85 -7.75
C ALA B 43 31.53 -1.74 -7.71
N ALA B 44 31.67 -2.96 -7.17
CA ALA B 44 30.56 -3.90 -7.11
C ALA B 44 29.49 -3.37 -6.17
N ILE B 45 29.92 -2.97 -4.98
CA ILE B 45 29.01 -2.47 -3.95
C ILE B 45 28.22 -1.26 -4.43
N ASP B 46 28.87 -0.32 -5.11
CA ASP B 46 28.15 0.86 -5.64
C ASP B 46 27.07 0.51 -6.64
N GLN B 47 27.33 -0.48 -7.50
CA GLN B 47 26.33 -0.89 -8.47
C GLN B 47 25.11 -1.52 -7.78
N ILE B 48 25.35 -2.37 -6.78
CA ILE B 48 24.29 -3.02 -6.04
C ILE B 48 23.51 -1.97 -5.23
N ASN B 49 24.21 -1.00 -4.64
CA ASN B 49 23.52 0.13 -3.97
C ASN B 49 22.67 0.96 -4.92
N GLY B 50 23.11 1.09 -6.17
CA GLY B 50 22.29 1.72 -7.21
C GLY B 50 20.96 1.00 -7.46
N LYS B 51 21.01 -0.33 -7.48
CA LYS B 51 19.78 -1.11 -7.60
C LYS B 51 18.93 -0.91 -6.39
N LEU B 52 19.54 -0.95 -5.20
CA LEU B 52 18.76 -0.76 -3.97
C LEU B 52 18.10 0.63 -3.90
N ASN B 53 18.79 1.66 -4.37
CA ASN B 53 18.26 3.03 -4.33
CA ASN B 53 18.29 3.02 -4.36
C ASN B 53 17.02 3.15 -5.21
N ARG B 54 16.98 2.41 -6.31
CA ARG B 54 15.79 2.32 -7.16
C ARG B 54 14.63 1.55 -6.54
N LEU B 55 14.88 0.60 -5.64
CA LEU B 55 13.83 -0.32 -5.15
C LEU B 55 13.38 -0.11 -3.72
N ILE B 56 14.26 0.40 -2.86
CA ILE B 56 13.98 0.56 -1.43
C ILE B 56 13.50 1.98 -1.12
N GLY B 57 12.45 2.07 -0.31
CA GLY B 57 11.91 3.35 0.15
C GLY B 57 11.34 4.25 -0.95
N LYS B 58 10.72 3.65 -1.96
CA LYS B 58 10.29 4.38 -3.16
C LYS B 58 8.78 4.26 -3.39
N THR B 59 8.00 4.10 -2.32
CA THR B 59 6.60 3.68 -2.49
C THR B 59 5.66 4.75 -3.06
N ASN B 60 4.51 4.30 -3.56
N ASN B 60 4.49 4.26 -3.49
CA ASN B 60 3.48 5.17 -4.12
CA ASN B 60 3.38 5.01 -4.07
C ASN B 60 2.28 5.32 -3.16
C ASN B 60 2.27 5.30 -3.06
N GLU B 61 1.89 6.56 -2.91
CA GLU B 61 0.75 6.89 -2.10
C GLU B 61 -0.54 6.64 -2.83
N LYS B 62 -1.42 5.84 -2.25
CA LYS B 62 -2.76 5.74 -2.77
C LYS B 62 -3.73 5.94 -1.63
N PHE B 63 -4.90 6.49 -1.96
CA PHE B 63 -5.86 6.90 -0.95
C PHE B 63 -7.18 6.18 -1.15
N HIS B 64 -8.24 6.89 -1.54
CA HIS B 64 -9.51 6.26 -1.80
C HIS B 64 -9.42 5.49 -3.11
N GLN B 65 -9.82 4.23 -3.07
CA GLN B 65 -9.68 3.31 -4.17
CA GLN B 65 -9.69 3.32 -4.19
C GLN B 65 -11.06 2.66 -4.46
N ILE B 66 -11.13 1.38 -4.75
CA ILE B 66 -12.38 0.65 -4.90
C ILE B 66 -12.42 -0.31 -3.73
N GLU B 67 -13.60 -0.82 -3.41
CA GLU B 67 -13.74 -1.89 -2.44
C GLU B 67 -13.20 -3.19 -3.03
N LYS B 68 -12.65 -4.03 -2.16
CA LYS B 68 -11.98 -5.24 -2.58
C LYS B 68 -12.44 -6.51 -1.84
N GLU B 69 -13.36 -6.35 -0.89
CA GLU B 69 -14.06 -7.46 -0.24
C GLU B 69 -15.54 -7.07 -0.19
N PHE B 70 -16.41 -8.08 -0.19
CA PHE B 70 -17.83 -7.87 -0.39
C PHE B 70 -18.57 -8.87 0.46
N SER B 71 -19.58 -8.42 1.21
CA SER B 71 -20.39 -9.33 2.03
C SER B 71 -21.70 -9.76 1.36
N GLU B 72 -22.09 -9.12 0.25
CA GLU B 72 -23.30 -9.49 -0.49
C GLU B 72 -22.99 -9.93 -1.93
N VAL B 73 -23.82 -10.80 -2.45
CA VAL B 73 -23.77 -11.21 -3.85
C VAL B 73 -24.44 -10.11 -4.65
N GLU B 74 -23.76 -9.57 -5.65
CA GLU B 74 -24.32 -8.50 -6.48
C GLU B 74 -24.27 -8.67 -8.01
N GLY B 75 -23.40 -9.51 -8.54
CA GLY B 75 -23.33 -9.67 -9.98
C GLY B 75 -22.43 -8.65 -10.67
N ARG B 76 -22.92 -8.10 -11.78
CA ARG B 76 -22.09 -7.46 -12.80
C ARG B 76 -21.04 -6.46 -12.29
N ILE B 77 -21.47 -5.51 -11.46
CA ILE B 77 -20.56 -4.47 -11.02
C ILE B 77 -19.48 -5.04 -10.09
N GLN B 78 -19.86 -5.89 -9.15
CA GLN B 78 -18.93 -6.60 -8.30
C GLN B 78 -17.95 -7.52 -9.08
N ASP B 79 -18.44 -8.21 -10.11
CA ASP B 79 -17.55 -9.01 -10.99
C ASP B 79 -16.45 -8.13 -11.54
N LEU B 80 -16.80 -6.92 -11.98
CA LEU B 80 -15.86 -6.02 -12.60
C LEU B 80 -14.85 -5.47 -11.59
N GLU B 81 -15.33 -5.08 -10.40
CA GLU B 81 -14.47 -4.62 -9.34
C GLU B 81 -13.46 -5.68 -8.97
N LYS B 82 -13.89 -6.93 -8.87
CA LYS B 82 -13.01 -8.03 -8.52
C LYS B 82 -11.99 -8.31 -9.61
N TYR B 83 -12.47 -8.24 -10.86
CA TYR B 83 -11.65 -8.52 -12.01
C TYR B 83 -10.58 -7.46 -12.22
N VAL B 84 -10.91 -6.21 -11.96
CA VAL B 84 -9.95 -5.13 -12.08
C VAL B 84 -8.85 -5.35 -11.05
N GLU B 85 -9.22 -5.71 -9.83
CA GLU B 85 -8.21 -5.84 -8.80
C GLU B 85 -7.33 -7.06 -9.04
N ASP B 86 -7.94 -8.19 -9.43
CA ASP B 86 -7.21 -9.44 -9.69
C ASP B 86 -6.23 -9.24 -10.88
N THR B 87 -6.72 -8.57 -11.93
CA THR B 87 -5.90 -8.13 -13.06
C THR B 87 -4.66 -7.31 -12.66
N LYS B 88 -4.89 -6.28 -11.86
CA LYS B 88 -3.84 -5.43 -11.33
C LYS B 88 -2.77 -6.25 -10.58
N ILE B 89 -3.23 -7.06 -9.65
CA ILE B 89 -2.36 -7.83 -8.78
C ILE B 89 -1.51 -8.80 -9.59
N ASP B 90 -2.09 -9.42 -10.60
CA ASP B 90 -1.31 -10.34 -11.43
C ASP B 90 -0.25 -9.58 -12.24
N LEU B 91 -0.58 -8.39 -12.71
CA LEU B 91 0.40 -7.61 -13.44
C LEU B 91 1.53 -7.15 -12.55
N TRP B 92 1.21 -6.70 -11.34
CA TRP B 92 2.28 -6.33 -10.40
C TRP B 92 3.11 -7.50 -9.94
N SER B 93 2.46 -8.64 -9.75
CA SER B 93 3.12 -9.83 -9.29
C SER B 93 4.11 -10.28 -10.36
N TYR B 94 3.70 -10.20 -11.62
CA TYR B 94 4.59 -10.45 -12.75
C TYR B 94 5.78 -9.50 -12.77
N ASN B 95 5.51 -8.19 -12.62
CA ASN B 95 6.58 -7.20 -12.59
C ASN B 95 7.60 -7.54 -11.50
N ALA B 96 7.11 -7.90 -10.32
CA ALA B 96 7.99 -8.17 -9.19
C ALA B 96 8.84 -9.43 -9.43
N GLU B 97 8.24 -10.46 -9.99
CA GLU B 97 8.94 -11.72 -10.29
C GLU B 97 10.05 -11.50 -11.32
N LEU B 98 9.70 -10.83 -12.41
CA LEU B 98 10.62 -10.60 -13.47
C LEU B 98 11.73 -9.67 -13.01
N LEU B 99 11.39 -8.65 -12.26
CA LEU B 99 12.37 -7.70 -11.79
C LEU B 99 13.47 -8.40 -10.99
N VAL B 100 13.08 -9.24 -10.05
CA VAL B 100 14.02 -9.94 -9.18
CA VAL B 100 14.04 -9.90 -9.18
C VAL B 100 14.88 -10.92 -9.98
N ALA B 101 14.25 -11.65 -10.90
CA ALA B 101 15.00 -12.63 -11.72
C ALA B 101 16.06 -11.95 -12.58
N LEU B 102 15.66 -10.85 -13.24
CA LEU B 102 16.59 -10.09 -14.09
CA LEU B 102 16.56 -10.09 -14.09
C LEU B 102 17.65 -9.40 -13.27
N GLU B 103 17.26 -8.74 -12.18
CA GLU B 103 18.26 -8.03 -11.39
C GLU B 103 19.26 -9.04 -10.81
N ASN B 104 18.78 -10.20 -10.39
CA ASN B 104 19.66 -11.17 -9.79
C ASN B 104 20.65 -11.75 -10.78
N GLN B 105 20.18 -12.01 -12.01
CA GLN B 105 21.06 -12.47 -13.08
C GLN B 105 22.13 -11.41 -13.32
N HIS B 106 21.70 -10.16 -13.39
CA HIS B 106 22.61 -9.04 -13.61
C HIS B 106 23.60 -8.82 -12.46
N THR B 107 23.18 -8.99 -11.21
CA THR B 107 24.07 -8.80 -10.06
C THR B 107 25.16 -9.85 -10.05
N ILE B 108 24.77 -11.08 -10.35
CA ILE B 108 25.71 -12.20 -10.47
C ILE B 108 26.70 -11.95 -11.59
N ASP B 109 26.21 -11.46 -12.73
CA ASP B 109 27.11 -11.15 -13.84
C ASP B 109 28.02 -9.94 -13.58
N LEU B 110 27.51 -8.88 -12.96
CA LEU B 110 28.33 -7.69 -12.75
C LEU B 110 29.43 -8.00 -11.71
N THR B 111 29.12 -8.87 -10.74
CA THR B 111 30.11 -9.22 -9.74
C THR B 111 31.21 -10.11 -10.34
N ASP B 112 30.81 -10.99 -11.24
CA ASP B 112 31.73 -11.79 -12.05
C ASP B 112 32.61 -10.86 -12.88
N SER B 113 32.00 -9.86 -13.53
CA SER B 113 32.72 -8.85 -14.30
C SER B 113 33.78 -8.15 -13.46
N GLU B 114 33.43 -7.71 -12.24
CA GLU B 114 34.41 -7.00 -11.43
C GLU B 114 35.61 -7.89 -11.10
N MET B 115 35.37 -9.17 -10.79
CA MET B 115 36.48 -10.12 -10.59
C MET B 115 37.32 -10.21 -11.85
N ASN B 116 36.67 -10.35 -13.01
CA ASN B 116 37.38 -10.48 -14.28
C ASN B 116 38.23 -9.23 -14.59
N LYS B 117 37.68 -8.05 -14.32
CA LYS B 117 38.36 -6.83 -14.64
C LYS B 117 39.64 -6.71 -13.83
N LEU B 118 39.59 -7.11 -12.56
CA LEU B 118 40.75 -7.00 -11.69
C LEU B 118 41.82 -7.99 -12.15
N PHE B 119 41.38 -9.19 -12.50
CA PHE B 119 42.27 -10.20 -13.03
C PHE B 119 42.99 -9.68 -14.26
N GLU B 120 42.20 -9.20 -15.22
CA GLU B 120 42.75 -8.66 -16.46
C GLU B 120 43.74 -7.54 -16.26
N LYS B 121 43.38 -6.62 -15.37
CA LYS B 121 44.21 -5.47 -15.07
C LYS B 121 45.55 -5.93 -14.48
N THR B 122 45.49 -6.91 -13.59
CA THR B 122 46.69 -7.46 -12.98
C THR B 122 47.56 -8.15 -14.05
N LYS B 123 46.93 -8.92 -14.94
CA LYS B 123 47.66 -9.63 -16.02
C LYS B 123 48.49 -8.64 -16.86
N LYS B 124 47.84 -7.57 -17.30
CA LYS B 124 48.50 -6.58 -18.15
C LYS B 124 49.64 -5.90 -17.42
N GLN B 125 49.41 -5.59 -16.15
CA GLN B 125 50.43 -4.99 -15.29
C GLN B 125 51.73 -5.81 -15.23
N LEU B 126 51.59 -7.12 -15.17
CA LEU B 126 52.73 -8.04 -15.10
C LEU B 126 53.52 -8.18 -16.40
N ARG B 127 52.94 -7.80 -17.54
CA ARG B 127 53.61 -7.82 -18.85
C ARG B 127 54.27 -9.17 -19.12
N GLU B 128 55.57 -9.20 -19.35
CA GLU B 128 56.28 -10.43 -19.66
C GLU B 128 56.89 -11.08 -18.43
N ASN B 129 56.48 -10.66 -17.24
CA ASN B 129 57.14 -11.08 -16.00
C ASN B 129 56.42 -12.23 -15.30
N ALA B 130 55.27 -12.62 -15.82
CA ALA B 130 54.43 -13.65 -15.22
C ALA B 130 53.62 -14.42 -16.27
N GLU B 131 53.15 -15.60 -15.89
CA GLU B 131 52.22 -16.34 -16.73
C GLU B 131 50.97 -16.73 -15.94
N ASP B 132 49.86 -16.83 -16.68
CA ASP B 132 48.55 -17.14 -16.16
C ASP B 132 48.45 -18.66 -16.00
N MET B 133 48.25 -19.13 -14.78
CA MET B 133 48.18 -20.57 -14.52
C MET B 133 46.78 -21.14 -14.75
N GLY B 134 45.81 -20.31 -15.14
CA GLY B 134 44.48 -20.79 -15.55
C GLY B 134 43.43 -20.87 -14.46
N ASN B 135 43.82 -20.56 -13.22
CA ASN B 135 42.98 -20.72 -12.04
C ASN B 135 42.92 -19.41 -11.23
N GLY B 136 43.13 -18.30 -11.93
CA GLY B 136 43.24 -16.99 -11.32
C GLY B 136 44.60 -16.62 -10.75
N CYS B 137 45.58 -17.50 -10.83
CA CYS B 137 46.89 -17.25 -10.23
C CYS B 137 47.90 -17.01 -11.32
N PHE B 138 48.84 -16.13 -11.01
CA PHE B 138 49.99 -15.82 -11.86
C PHE B 138 51.24 -16.40 -11.22
N LYS B 139 52.04 -17.09 -12.03
CA LYS B 139 53.38 -17.47 -11.66
C LYS B 139 54.26 -16.32 -12.07
N ILE B 140 54.88 -15.68 -11.08
CA ILE B 140 55.73 -14.53 -11.27
C ILE B 140 57.14 -15.07 -11.32
N TYR B 141 57.87 -14.75 -12.38
CA TYR B 141 59.17 -15.39 -12.67
C TYR B 141 60.36 -14.60 -12.14
N HIS B 142 60.16 -13.94 -11.01
CA HIS B 142 61.22 -13.18 -10.37
C HIS B 142 60.96 -13.13 -8.88
N LYS B 143 62.00 -12.84 -8.11
CA LYS B 143 61.85 -12.65 -6.69
C LYS B 143 60.94 -11.46 -6.52
N CYS B 144 59.91 -11.62 -5.71
CA CYS B 144 58.92 -10.59 -5.53
C CYS B 144 58.50 -10.60 -4.08
N ASP B 145 59.28 -9.87 -3.27
CA ASP B 145 59.04 -9.72 -1.84
C ASP B 145 57.71 -8.98 -1.49
N ASN B 146 57.47 -8.79 -0.20
CA ASN B 146 56.21 -8.16 0.24
C ASN B 146 55.98 -6.78 -0.38
N ALA B 147 57.02 -5.95 -0.40
CA ALA B 147 56.97 -4.65 -1.07
C ALA B 147 56.69 -4.77 -2.59
N CYS B 148 57.35 -5.71 -3.25
CA CYS B 148 57.06 -5.97 -4.67
C CYS B 148 55.58 -6.35 -4.89
N ILE B 149 55.07 -7.30 -4.09
CA ILE B 149 53.66 -7.69 -4.16
C ILE B 149 52.77 -6.48 -3.89
N GLY B 150 53.07 -5.73 -2.83
CA GLY B 150 52.42 -4.44 -2.51
C GLY B 150 52.34 -3.50 -3.72
N SER B 151 53.45 -3.40 -4.44
CA SER B 151 53.56 -2.56 -5.61
C SER B 151 52.59 -3.02 -6.73
N ILE B 152 52.37 -4.34 -6.85
CA ILE B 152 51.43 -4.86 -7.84
C ILE B 152 49.98 -4.52 -7.42
N ARG B 153 49.65 -4.77 -6.16
CA ARG B 153 48.34 -4.44 -5.63
C ARG B 153 48.02 -2.94 -5.72
N ASN B 154 49.03 -2.08 -5.53
CA ASN B 154 48.87 -0.62 -5.54
C ASN B 154 49.01 0.00 -6.92
N GLY B 155 49.27 -0.79 -7.96
CA GLY B 155 49.43 -0.24 -9.29
C GLY B 155 50.71 0.57 -9.50
N THR B 156 51.75 0.32 -8.71
CA THR B 156 53.03 0.98 -8.84
C THR B 156 54.17 0.05 -9.28
N TYR B 157 53.86 -1.21 -9.53
CA TYR B 157 54.84 -2.18 -10.02
C TYR B 157 55.46 -1.71 -11.32
N ASP B 158 56.78 -1.62 -11.37
CA ASP B 158 57.49 -1.27 -12.59
C ASP B 158 58.03 -2.55 -13.19
N HIS B 159 57.40 -2.98 -14.27
CA HIS B 159 57.76 -4.27 -14.86
C HIS B 159 59.18 -4.28 -15.45
N ASP B 160 59.68 -3.12 -15.89
CA ASP B 160 61.05 -3.06 -16.46
C ASP B 160 62.14 -3.44 -15.45
N VAL B 161 61.92 -3.14 -14.18
CA VAL B 161 62.87 -3.46 -13.10
C VAL B 161 63.17 -4.97 -13.07
N TYR B 162 62.16 -5.80 -13.29
CA TYR B 162 62.29 -7.25 -13.16
C TYR B 162 62.38 -8.00 -14.49
N ARG B 163 62.21 -7.28 -15.60
CA ARG B 163 62.00 -7.94 -16.89
C ARG B 163 63.16 -8.89 -17.28
N ASP B 164 64.40 -8.44 -17.16
CA ASP B 164 65.54 -9.31 -17.50
C ASP B 164 65.56 -10.58 -16.65
N GLU B 165 65.40 -10.42 -15.35
CA GLU B 165 65.28 -11.57 -14.44
C GLU B 165 64.16 -12.51 -14.89
N ALA B 166 62.98 -11.96 -15.15
CA ALA B 166 61.84 -12.78 -15.51
C ALA B 166 62.00 -13.50 -16.85
N LEU B 167 62.45 -12.79 -17.87
CA LEU B 167 62.67 -13.43 -19.17
C LEU B 167 63.65 -14.59 -19.07
N ASN B 168 64.74 -14.35 -18.36
CA ASN B 168 65.68 -15.42 -18.08
C ASN B 168 65.03 -16.65 -17.42
N ASN B 169 64.18 -16.44 -16.43
CA ASN B 169 63.54 -17.56 -15.77
C ASN B 169 62.52 -18.24 -16.68
N ARG B 170 61.74 -17.45 -17.43
CA ARG B 170 60.66 -17.97 -18.28
C ARG B 170 61.13 -18.82 -19.43
N PHE B 171 62.14 -18.33 -20.13
CA PHE B 171 62.59 -18.96 -21.36
C PHE B 171 63.90 -19.71 -21.17
N GLN B 172 64.12 -20.25 -19.97
CA GLN B 172 65.23 -21.18 -19.70
C GLN B 172 64.85 -22.54 -20.28
N ILE B 173 65.71 -23.54 -20.12
CA ILE B 173 65.45 -24.90 -20.56
C ILE B 173 65.74 -25.88 -19.43
C1 NAG C . 23.14 -7.76 3.16
C2 NAG C . 24.09 -7.07 4.12
C3 NAG C . 23.29 -6.09 4.94
C4 NAG C . 22.62 -5.04 4.06
C5 NAG C . 21.82 -5.67 2.89
C6 NAG C . 21.51 -4.64 1.80
C7 NAG C . 26.09 -8.22 4.98
C8 NAG C . 26.61 -9.31 5.85
N2 NAG C . 24.76 -8.08 4.94
O3 NAG C . 24.17 -5.44 5.85
O4 NAG C . 21.72 -4.30 4.90
O5 NAG C . 22.52 -6.78 2.28
O6 NAG C . 22.70 -4.28 1.06
O7 NAG C . 26.85 -7.50 4.37
C1 NAG C . 21.88 -2.88 4.87
C2 NAG C . 20.51 -2.30 5.22
C3 NAG C . 20.54 -0.81 5.52
C4 NAG C . 21.70 -0.46 6.46
C5 NAG C . 23.02 -1.01 5.90
C6 NAG C . 24.21 -0.72 6.81
C7 NAG C . 18.58 -3.45 4.17
C8 NAG C . 17.72 -3.52 2.95
N2 NAG C . 19.56 -2.54 4.14
O3 NAG C . 19.30 -0.47 6.12
O4 NAG C . 21.81 0.96 6.63
O5 NAG C . 22.89 -2.43 5.77
O6 NAG C . 24.08 -1.51 8.01
O7 NAG C . 18.36 -4.18 5.13
C1 BMA C . 21.11 1.44 7.80
C2 BMA C . 21.83 2.66 8.36
C3 BMA C . 21.11 3.10 9.63
C4 BMA C . 19.63 3.35 9.36
C5 BMA C . 19.00 2.11 8.69
C6 BMA C . 17.53 2.32 8.31
O2 BMA C . 21.85 3.71 7.40
O3 BMA C . 21.73 4.29 10.14
O4 BMA C . 18.96 3.63 10.58
O5 BMA C . 19.75 1.77 7.52
O6 BMA C . 16.77 1.25 8.90
C1 MAN C . 22.69 4.06 11.19
C2 MAN C . 22.59 5.23 12.17
C3 MAN C . 23.07 6.51 11.49
C4 MAN C . 24.44 6.34 10.83
C5 MAN C . 24.57 5.05 10.01
C6 MAN C . 26.02 4.75 9.63
O2 MAN C . 23.36 4.96 13.34
O3 MAN C . 23.10 7.58 12.45
O4 MAN C . 24.70 7.45 9.96
O5 MAN C . 24.05 3.93 10.74
O6 MAN C . 26.09 4.28 8.28
C1 MAN C . 15.55 0.82 8.23
C2 MAN C . 15.53 -0.72 8.24
C3 MAN C . 15.75 -1.45 6.89
C4 MAN C . 15.25 -0.65 5.69
C5 MAN C . 15.79 0.77 5.77
C6 MAN C . 15.47 1.63 4.56
O2 MAN C . 14.27 -1.15 8.81
O3 MAN C . 15.13 -2.75 6.94
O4 MAN C . 15.66 -1.29 4.47
O5 MAN C . 15.27 1.40 6.94
O6 MAN C . 16.10 2.91 4.72
C1 NAG D . -20.29 -0.10 21.90
C2 NAG D . -19.98 0.75 23.14
C3 NAG D . -19.76 -0.13 24.37
C4 NAG D . -20.80 -1.25 24.48
C5 NAG D . -20.91 -2.02 23.16
C6 NAG D . -21.85 -3.24 23.19
C7 NAG D . -18.81 2.89 22.75
C8 NAG D . -17.47 3.52 22.53
N2 NAG D . -18.80 1.55 22.92
O3 NAG D . -19.83 0.67 25.56
O4 NAG D . -20.41 -2.11 25.56
O5 NAG D . -21.32 -1.07 22.17
O6 NAG D . -23.10 -2.99 22.50
O7 NAG D . -19.82 3.56 22.78
C1 NAG D . -21.46 -2.16 26.54
C2 NAG D . -21.22 -3.35 27.48
C3 NAG D . -22.17 -3.35 28.67
C4 NAG D . -22.52 -1.97 29.24
C5 NAG D . -22.72 -0.93 28.13
C6 NAG D . -22.95 0.48 28.68
C7 NAG D . -20.34 -5.25 26.16
C8 NAG D . -20.72 -6.50 25.41
N2 NAG D . -21.36 -4.58 26.71
O3 NAG D . -21.59 -4.13 29.72
O4 NAG D . -23.72 -2.09 30.01
O5 NAG D . -21.57 -0.95 27.28
O6 NAG D . -21.70 1.09 29.02
O7 NAG D . -19.18 -4.90 26.24
C1 FUL D . -24.20 -3.69 23.12
C2 FUL D . -25.38 -3.77 22.13
O2 FUL D . -25.09 -4.74 21.10
C3 FUL D . -26.70 -4.15 22.80
O3 FUL D . -27.82 -3.85 21.95
C4 FUL D . -26.87 -3.40 24.11
O4 FUL D . -26.98 -2.00 23.81
C5 FUL D . -25.66 -3.64 24.99
C6 FUL D . -25.83 -3.06 26.38
O5 FUL D . -24.56 -3.04 24.33
C1 NAG E . -42.88 26.41 -5.30
C2 NAG E . -43.92 27.22 -6.09
C3 NAG E . -43.25 27.97 -7.25
C4 NAG E . -42.05 28.81 -6.79
C5 NAG E . -41.10 27.98 -5.91
C6 NAG E . -40.04 28.84 -5.22
C7 NAG E . -46.28 26.69 -6.66
C8 NAG E . -47.18 25.64 -7.25
N2 NAG E . -44.97 26.36 -6.61
O3 NAG E . -44.22 28.81 -7.88
O4 NAG E . -41.34 29.28 -7.95
O5 NAG E . -41.81 27.28 -4.89
O6 NAG E . -40.65 29.75 -4.29
O7 NAG E . -46.73 27.75 -6.27
C1 NAG E . -41.09 30.71 -7.99
C2 NAG E . -39.86 30.98 -8.87
C3 NAG E . -39.77 32.43 -9.39
C4 NAG E . -41.13 32.95 -9.87
C5 NAG E . -42.11 32.80 -8.70
C6 NAG E . -43.49 33.44 -8.89
C7 NAG E . -37.87 29.58 -8.29
C8 NAG E . -36.67 29.51 -7.38
N2 NAG E . -38.64 30.67 -8.13
O3 NAG E . -38.79 32.50 -10.42
O4 NAG E . -41.05 34.32 -10.34
O5 NAG E . -42.26 31.39 -8.46
O6 NAG E . -44.43 32.56 -9.51
O7 NAG E . -38.09 28.69 -9.10
C1 BMA E . -40.69 34.45 -11.75
C2 BMA E . -41.29 35.72 -12.40
C3 BMA E . -40.43 37.00 -12.34
C4 BMA E . -38.96 36.71 -12.05
C5 BMA E . -38.57 35.36 -12.64
C6 BMA E . -37.07 35.07 -12.62
O2 BMA E . -42.61 35.97 -11.89
O3 BMA E . -40.90 37.96 -11.39
O4 BMA E . -38.16 37.75 -12.59
O5 BMA E . -39.27 34.33 -11.92
O6 BMA E . -36.40 35.71 -11.54
C1 NAG F . -4.47 -10.06 6.86
C2 NAG F . -3.72 -11.40 6.86
C3 NAG F . -4.23 -12.30 5.71
C4 NAG F . -5.74 -12.21 5.52
C5 NAG F . -6.20 -10.76 5.49
C6 NAG F . -7.69 -10.53 5.27
C7 NAG F . -1.47 -11.01 7.78
C8 NAG F . 0.00 -10.85 7.48
N2 NAG F . -2.27 -11.22 6.73
O3 NAG F . -3.87 -13.66 5.98
O4 NAG F . -6.09 -12.87 4.29
O5 NAG F . -5.87 -10.24 6.77
O6 NAG F . -8.40 -11.02 6.42
O7 NAG F . -1.87 -10.93 8.92
C1 NAG F . -7.15 -13.81 4.56
C2 NAG F . -7.66 -14.40 3.26
C3 NAG F . -8.80 -15.37 3.54
C4 NAG F . -8.43 -16.38 4.63
C5 NAG F . -7.84 -15.68 5.86
C6 NAG F . -7.37 -16.66 6.94
C7 NAG F . -7.46 -12.89 1.34
C8 NAG F . -8.13 -11.81 0.53
N2 NAG F . -8.15 -13.35 2.37
O3 NAG F . -9.16 -16.04 2.32
O4 NAG F . -9.60 -17.11 5.00
O5 NAG F . -6.74 -14.86 5.45
O6 NAG F . -6.06 -17.14 6.62
O7 NAG F . -6.34 -13.30 1.04
C1 NAG G . 25.31 -14.65 7.85
C2 NAG G . 24.12 -13.72 7.51
C3 NAG G . 24.36 -12.31 8.02
C4 NAG G . 24.74 -12.32 9.51
C5 NAG G . 26.01 -13.17 9.66
C6 NAG G . 26.56 -13.18 11.09
C7 NAG G . 23.04 -14.40 5.39
C8 NAG G . 23.01 -14.14 3.90
N2 NAG G . 23.90 -13.65 6.07
O3 NAG G . 23.20 -11.52 7.74
O4 NAG G . 24.93 -11.00 10.01
O5 NAG G . 25.72 -14.51 9.22
O6 NAG G . 26.34 -14.44 11.73
O7 NAG G . 22.33 -15.27 5.88
C1 NAG H . -37.08 20.91 16.59
C2 NAG H . -37.66 22.29 16.95
C3 NAG H . -36.55 23.36 16.91
C4 NAG H . -35.32 22.92 17.71
C5 NAG H . -34.88 21.52 17.29
C6 NAG H . -33.68 21.00 18.09
C7 NAG H . -40.00 22.89 16.38
C8 NAG H . -40.93 23.31 15.27
N2 NAG H . -38.72 22.69 16.02
O3 NAG H . -37.01 24.60 17.45
O4 NAG H . -34.26 23.87 17.49
O5 NAG H . -35.98 20.62 17.45
O6 NAG H . -33.88 21.13 19.51
O7 NAG H . -40.40 22.75 17.52
C1 SIA I . -43.00 4.96 18.12
C2 SIA I . -44.47 5.25 17.84
C3 SIA I . -44.95 6.54 18.51
C4 SIA I . -44.32 7.76 17.87
C5 SIA I . -44.61 7.80 16.36
C6 SIA I . -44.18 6.47 15.73
C7 SIA I . -44.64 6.32 14.28
C8 SIA I . -44.23 4.98 13.67
C9 SIA I . -44.33 5.00 12.15
C10 SIA I . -44.40 9.78 14.89
C11 SIA I . -43.47 10.88 14.46
N5 SIA I . -43.90 8.93 15.79
O1A SIA I . -42.32 4.39 17.24
O1B SIA I . -42.50 5.31 19.21
O2 SIA I . -45.24 4.13 18.35
O4 SIA I . -44.82 8.97 18.45
O6 SIA I . -44.72 5.33 16.44
O7 SIA I . -46.06 6.45 14.21
O8 SIA I . -42.89 4.62 14.05
O9 SIA I . -44.64 3.69 11.64
O10 SIA I . -45.53 9.71 14.41
C1 NAG J . 50.42 -0.21 -0.83
C2 NAG J . 51.75 0.03 -0.11
C3 NAG J . 51.63 -0.05 1.41
C4 NAG J . 50.47 0.82 1.89
C5 NAG J . 49.19 0.45 1.14
C6 NAG J . 48.00 1.28 1.58
C7 NAG J . 53.88 -0.61 -1.13
C8 NAG J . 54.77 -1.74 -1.54
N2 NAG J . 52.73 -0.96 -0.56
O3 NAG J . 52.86 0.36 2.02
O4 NAG J . 50.27 0.65 3.31
O5 NAG J . 49.40 0.62 -0.26
O6 NAG J . 47.54 0.82 2.86
O7 NAG J . 54.20 0.55 -1.34
#